data_3DVF
#
_entry.id   3DVF
#
_cell.length_a   81.428
_cell.length_b   81.428
_cell.length_c   77.259
_cell.angle_alpha   90.00
_cell.angle_beta   90.00
_cell.angle_gamma   120.00
#
_symmetry.space_group_name_H-M   'P 61 2 2'
#
loop_
_entity.id
_entity.type
_entity.pdbx_description
1 polymer 'Amyloidogenic immunoglobulin light chain protein AL-12'
2 water water
#
_entity_poly.entity_id   1
_entity_poly.type   'polypeptide(L)'
_entity_poly.pdbx_seq_one_letter_code
;DIQMTQSPSSLSASVGDRVTITCQASQDITNHLNWYQQKPGKAPKLLIYDASNLETGVPSRFSGRGSGTHFTFTISSLQP
ADIATYYCQEYDYLPQTFGGGTKVEIK
;
_entity_poly.pdbx_strand_id   A
#
# COMPACT_ATOMS: atom_id res chain seq x y z
N ASP A 1 -12.44 13.00 -5.21
CA ASP A 1 -12.50 14.09 -4.20
C ASP A 1 -11.61 13.89 -2.92
N ILE A 2 -11.78 12.76 -2.22
CA ILE A 2 -10.75 12.26 -1.28
C ILE A 2 -9.40 12.22 -1.99
N GLN A 3 -8.38 12.71 -1.29
N GLN A 3 -8.38 12.78 -1.34
CA GLN A 3 -7.02 12.74 -1.78
CA GLN A 3 -7.02 12.69 -1.83
C GLN A 3 -6.18 11.73 -0.97
C GLN A 3 -6.26 11.66 -1.00
N MET A 4 -5.38 10.90 -1.65
CA MET A 4 -4.56 9.88 -0.95
C MET A 4 -3.08 10.18 -1.19
N THR A 5 -2.34 10.47 -0.13
CA THR A 5 -0.96 10.89 -0.21
C THR A 5 -0.09 9.70 0.27
N GLN A 6 0.64 9.11 -0.68
CA GLN A 6 1.39 7.92 -0.39
C GLN A 6 2.86 8.24 -0.41
N SER A 7 3.60 7.77 0.58
N SER A 7 3.59 7.72 0.55
CA SER A 7 5.07 8.02 0.62
CA SER A 7 5.03 7.97 0.56
C SER A 7 5.87 6.83 1.21
C SER A 7 5.83 6.77 1.14
N PRO A 8 7.12 6.63 0.74
CA PRO A 8 7.81 7.44 -0.28
C PRO A 8 7.30 7.09 -1.67
N SER A 9 7.79 7.82 -2.68
N SER A 9 7.75 7.79 -2.70
CA SER A 9 7.46 7.58 -4.07
CA SER A 9 7.30 7.42 -4.03
C SER A 9 8.22 6.37 -4.57
C SER A 9 8.23 6.36 -4.64
N SER A 10 9.46 6.24 -4.11
CA SER A 10 10.34 5.13 -4.46
C SER A 10 11.35 4.93 -3.34
N LEU A 11 11.82 3.70 -3.27
CA LEU A 11 12.83 3.32 -2.27
C LEU A 11 13.59 2.13 -2.87
N SER A 12 14.83 1.99 -2.44
CA SER A 12 15.61 0.77 -2.74
C SER A 12 16.04 0.25 -1.42
N ALA A 13 15.98 -1.07 -1.26
CA ALA A 13 16.56 -1.68 -0.11
C ALA A 13 17.30 -2.98 -0.47
N SER A 14 17.99 -3.58 0.50
CA SER A 14 18.57 -4.90 0.27
C SER A 14 17.60 -6.03 0.60
N VAL A 15 17.94 -7.19 0.01
CA VAL A 15 17.25 -8.42 0.26
C VAL A 15 17.27 -8.52 1.79
N GLY A 16 16.11 -8.85 2.36
CA GLY A 16 15.94 -9.00 3.80
C GLY A 16 15.71 -7.71 4.56
N ASP A 17 15.75 -6.55 3.84
CA ASP A 17 15.50 -5.28 4.50
C ASP A 17 14.05 -5.14 4.82
N ARG A 18 13.82 -4.44 5.88
CA ARG A 18 12.46 -4.04 6.11
C ARG A 18 12.00 -2.80 5.24
N VAL A 19 10.83 -2.93 4.57
CA VAL A 19 10.22 -1.82 3.84
C VAL A 19 8.89 -1.31 4.53
N THR A 20 8.71 0.00 4.73
CA THR A 20 7.41 0.50 5.23
C THR A 20 7.00 1.72 4.39
N ILE A 21 5.72 1.63 4.03
CA ILE A 21 5.06 2.58 3.14
C ILE A 21 3.89 3.15 3.89
N THR A 22 3.64 4.44 3.68
CA THR A 22 2.55 5.06 4.37
C THR A 22 1.53 5.69 3.37
N CYS A 23 0.27 5.72 3.76
N CYS A 23 0.28 5.81 3.82
CA CYS A 23 -0.71 6.48 3.03
CA CYS A 23 -0.85 6.32 3.04
C CYS A 23 -1.49 7.32 4.03
C CYS A 23 -1.78 7.20 3.89
N GLN A 24 -1.84 8.51 3.59
CA GLN A 24 -2.65 9.45 4.36
C GLN A 24 -3.89 9.84 3.49
N ALA A 25 -5.09 9.65 4.04
CA ALA A 25 -6.36 10.03 3.40
C ALA A 25 -6.76 11.46 3.81
N SER A 26 -7.23 12.28 2.86
CA SER A 26 -7.68 13.65 3.21
C SER A 26 -9.00 13.77 4.03
N GLN A 27 -9.64 12.64 4.25
CA GLN A 27 -10.90 12.48 5.01
C GLN A 27 -10.84 11.17 5.77
N ASP A 28 -11.61 11.10 6.85
CA ASP A 28 -11.71 9.86 7.65
C ASP A 28 -12.34 8.74 6.83
N ILE A 29 -11.64 7.60 6.66
CA ILE A 29 -12.17 6.51 5.80
C ILE A 29 -12.26 5.21 6.58
N THR A 30 -12.22 5.36 7.91
CA THR A 30 -12.16 4.26 8.88
C THR A 30 -11.12 3.21 8.38
N ASN A 31 -11.51 1.98 8.11
CA ASN A 31 -10.50 1.03 7.67
C ASN A 31 -10.75 0.60 6.22
N HIS A 32 -11.43 1.45 5.46
CA HIS A 32 -11.78 1.13 4.07
C HIS A 32 -10.65 1.49 3.11
N LEU A 33 -9.56 0.75 3.26
CA LEU A 33 -8.34 0.91 2.50
C LEU A 33 -7.76 -0.46 2.09
N ASN A 34 -7.47 -0.59 0.79
CA ASN A 34 -6.80 -1.75 0.23
C ASN A 34 -5.36 -1.43 -0.14
N TRP A 35 -4.52 -2.46 -0.15
CA TRP A 35 -3.17 -2.35 -0.66
C TRP A 35 -3.00 -3.36 -1.81
N TYR A 36 -2.42 -2.89 -2.91
CA TYR A 36 -2.18 -3.71 -4.10
C TYR A 36 -0.70 -3.72 -4.41
N GLN A 37 -0.30 -4.79 -5.08
CA GLN A 37 1.05 -4.91 -5.61
C GLN A 37 0.94 -5.01 -7.13
N GLN A 38 1.72 -4.22 -7.86
CA GLN A 38 1.69 -4.25 -9.33
C GLN A 38 3.11 -4.51 -9.80
N LYS A 39 3.31 -5.68 -10.39
CA LYS A 39 4.60 -5.98 -10.98
C LYS A 39 4.67 -5.35 -12.39
N PRO A 40 5.89 -5.06 -12.91
CA PRO A 40 5.99 -4.34 -14.21
C PRO A 40 5.21 -5.00 -15.36
N GLY A 41 4.33 -4.25 -16.00
CA GLY A 41 3.54 -4.76 -17.12
C GLY A 41 2.37 -5.64 -16.70
N LYS A 42 2.10 -5.79 -15.38
CA LYS A 42 1.03 -6.64 -14.89
C LYS A 42 -0.02 -5.79 -14.21
N ALA A 43 -1.17 -6.40 -13.95
CA ALA A 43 -2.26 -5.71 -13.28
C ALA A 43 -2.00 -5.60 -11.79
N PRO A 44 -2.58 -4.62 -11.13
CA PRO A 44 -2.46 -4.64 -9.62
C PRO A 44 -3.18 -5.89 -9.03
N LYS A 45 -2.53 -6.55 -8.07
CA LYS A 45 -3.07 -7.64 -7.30
C LYS A 45 -3.29 -7.20 -5.85
N LEU A 46 -4.47 -7.56 -5.29
CA LEU A 46 -4.84 -7.18 -3.96
C LEU A 46 -4.08 -8.04 -2.92
N LEU A 47 -3.35 -7.36 -2.04
CA LEU A 47 -2.61 -8.04 -0.96
C LEU A 47 -3.35 -7.92 0.36
N ILE A 48 -3.84 -6.73 0.66
CA ILE A 48 -4.43 -6.45 1.97
C ILE A 48 -5.75 -5.71 1.75
N TYR A 49 -6.82 -6.12 2.44
CA TYR A 49 -8.09 -5.39 2.34
C TYR A 49 -8.51 -4.95 3.75
N ASP A 50 -9.35 -3.92 3.82
CA ASP A 50 -9.72 -3.36 5.13
C ASP A 50 -8.55 -3.07 6.05
N ALA A 51 -7.54 -2.43 5.45
CA ALA A 51 -6.42 -1.88 6.15
C ALA A 51 -5.44 -2.95 6.66
N SER A 52 -5.94 -4.08 7.11
CA SER A 52 -5.07 -5.02 7.83
C SER A 52 -5.26 -6.52 7.52
N ASN A 53 -6.26 -6.85 6.67
CA ASN A 53 -6.64 -8.26 6.41
C ASN A 53 -5.88 -8.82 5.20
N LEU A 54 -5.06 -9.87 5.41
CA LEU A 54 -4.31 -10.49 4.31
C LEU A 54 -5.24 -11.29 3.42
N GLU A 55 -5.13 -11.11 2.11
CA GLU A 55 -5.79 -11.98 1.14
C GLU A 55 -5.22 -13.38 1.18
N THR A 56 -6.05 -14.36 0.80
CA THR A 56 -5.65 -15.78 0.76
C THR A 56 -4.43 -15.93 -0.11
N GLY A 57 -3.45 -16.71 0.34
CA GLY A 57 -2.26 -16.98 -0.49
C GLY A 57 -1.19 -15.90 -0.38
N VAL A 58 -1.50 -14.79 0.27
CA VAL A 58 -0.49 -13.78 0.49
C VAL A 58 0.52 -14.10 1.64
N PRO A 59 1.85 -14.01 1.37
CA PRO A 59 2.90 -14.30 2.40
C PRO A 59 2.87 -13.38 3.65
N SER A 60 3.26 -13.96 4.80
CA SER A 60 3.26 -13.27 6.13
C SER A 60 4.20 -12.11 6.19
N ARG A 61 5.16 -11.99 5.28
CA ARG A 61 6.01 -10.85 5.37
C ARG A 61 5.23 -9.52 5.09
N PHE A 62 4.02 -9.60 4.51
CA PHE A 62 3.15 -8.43 4.13
C PHE A 62 2.15 -8.13 5.25
N SER A 63 2.08 -6.87 5.69
CA SER A 63 1.06 -6.48 6.69
C SER A 63 0.58 -5.06 6.48
N GLY A 64 -0.62 -4.75 7.00
CA GLY A 64 -1.17 -3.37 6.93
C GLY A 64 -1.71 -2.97 8.31
N ARG A 65 -1.68 -1.69 8.63
CA ARG A 65 -2.37 -1.27 9.84
C ARG A 65 -2.86 0.16 9.67
N GLY A 66 -3.75 0.55 10.56
CA GLY A 66 -4.24 1.93 10.57
C GLY A 66 -5.74 1.98 10.46
N SER A 67 -6.29 3.14 10.83
CA SER A 67 -7.72 3.41 10.76
C SER A 67 -7.89 4.94 10.87
N GLY A 68 -8.83 5.46 10.10
CA GLY A 68 -9.10 6.88 10.07
C GLY A 68 -8.47 7.48 8.84
N THR A 69 -7.31 8.07 9.03
CA THR A 69 -6.63 8.80 7.92
C THR A 69 -5.16 8.42 7.65
N HIS A 70 -4.58 7.67 8.58
N HIS A 70 -4.46 7.76 8.60
CA HIS A 70 -3.21 7.30 8.46
CA HIS A 70 -3.00 7.45 8.46
C HIS A 70 -3.17 5.80 8.38
C HIS A 70 -2.73 5.93 8.54
N PHE A 71 -2.40 5.32 7.41
CA PHE A 71 -2.25 3.85 7.27
C PHE A 71 -0.83 3.49 6.90
N THR A 72 -0.40 2.28 7.24
N THR A 72 -0.40 2.29 7.29
CA THR A 72 1.00 1.88 7.03
CA THR A 72 0.94 1.82 7.02
C THR A 72 1.05 0.42 6.53
C THR A 72 0.87 0.44 6.39
N PHE A 73 1.78 0.23 5.45
CA PHE A 73 2.00 -1.10 4.82
C PHE A 73 3.49 -1.46 5.01
N THR A 74 3.77 -2.70 5.38
N THR A 74 3.78 -2.69 5.41
CA THR A 74 5.16 -3.10 5.71
CA THR A 74 5.17 -3.09 5.72
C THR A 74 5.46 -4.47 5.06
C THR A 74 5.52 -4.47 5.14
N ILE A 75 6.68 -4.54 4.46
CA ILE A 75 7.23 -5.79 4.01
C ILE A 75 8.37 -6.06 5.05
N SER A 76 8.16 -7.07 5.86
CA SER A 76 9.10 -7.28 6.99
C SER A 76 10.52 -7.71 6.59
N SER A 77 10.60 -8.51 5.51
CA SER A 77 11.87 -9.01 5.03
C SER A 77 11.72 -9.07 3.50
N LEU A 78 12.31 -8.11 2.80
CA LEU A 78 12.18 -7.99 1.37
C LEU A 78 12.85 -9.19 0.66
N GLN A 79 12.09 -9.80 -0.25
CA GLN A 79 12.55 -10.90 -1.12
C GLN A 79 12.58 -10.44 -2.60
N PRO A 80 13.42 -11.07 -3.45
CA PRO A 80 13.46 -10.75 -4.89
C PRO A 80 12.09 -10.65 -5.56
N ALA A 81 11.15 -11.53 -5.17
CA ALA A 81 9.82 -11.54 -5.77
C ALA A 81 8.99 -10.29 -5.45
N ASP A 82 9.45 -9.47 -4.49
CA ASP A 82 8.67 -8.30 -4.00
C ASP A 82 8.92 -7.03 -4.75
N ILE A 83 9.85 -7.09 -5.73
CA ILE A 83 10.15 -5.93 -6.58
C ILE A 83 8.88 -5.60 -7.41
N ALA A 84 8.32 -4.44 -7.14
CA ALA A 84 6.95 -4.06 -7.61
C ALA A 84 6.68 -2.61 -7.24
N THR A 85 5.61 -2.07 -7.78
CA THR A 85 5.06 -0.84 -7.30
C THR A 85 3.82 -1.18 -6.45
N TYR A 86 3.78 -0.62 -5.23
CA TYR A 86 2.67 -0.87 -4.29
C TYR A 86 1.78 0.34 -4.24
N TYR A 87 0.47 0.10 -4.12
CA TYR A 87 -0.56 1.21 -4.09
C TYR A 87 -1.54 0.99 -2.97
N CYS A 88 -1.88 2.05 -2.26
CA CYS A 88 -3.14 2.03 -1.49
C CYS A 88 -4.30 2.53 -2.36
N GLN A 89 -5.51 2.15 -1.97
CA GLN A 89 -6.73 2.62 -2.63
C GLN A 89 -7.84 2.71 -1.58
N GLU A 90 -8.47 3.88 -1.48
CA GLU A 90 -9.65 4.03 -0.59
C GLU A 90 -10.88 3.63 -1.37
N TYR A 91 -11.86 3.06 -0.70
CA TYR A 91 -13.10 2.76 -1.39
C TYR A 91 -14.31 3.24 -0.62
N ASP A 92 -14.09 4.00 0.43
CA ASP A 92 -15.22 4.64 1.12
C ASP A 92 -16.10 5.47 0.14
N TYR A 93 -15.49 6.32 -0.67
N TYR A 93 -15.45 6.31 -0.67
CA TYR A 93 -16.27 7.14 -1.59
CA TYR A 93 -16.13 7.29 -1.55
C TYR A 93 -15.65 7.26 -2.97
C TYR A 93 -15.64 7.22 -3.00
N LEU A 94 -16.50 7.62 -3.94
CA LEU A 94 -16.07 7.95 -5.30
C LEU A 94 -15.07 9.18 -5.31
N PRO A 95 -14.18 9.20 -6.32
N PRO A 95 -14.01 9.14 -6.15
CA PRO A 95 -13.92 7.98 -7.04
CA PRO A 95 -13.65 8.27 -7.29
C PRO A 95 -13.07 7.16 -6.03
C PRO A 95 -12.70 7.08 -6.93
N GLN A 96 -13.02 5.84 -6.12
N GLN A 96 -12.90 6.40 -5.79
CA GLN A 96 -12.08 5.09 -5.32
CA GLN A 96 -12.12 5.17 -5.45
C GLN A 96 -10.65 5.44 -5.71
C GLN A 96 -10.59 5.37 -5.61
N THR A 97 -10.11 6.43 -5.00
CA THR A 97 -8.81 7.00 -5.31
C THR A 97 -7.63 6.09 -4.87
N PHE A 98 -6.70 5.92 -5.77
CA PHE A 98 -5.40 5.32 -5.45
C PHE A 98 -4.43 6.38 -4.91
N GLY A 99 -3.55 5.97 -3.97
CA GLY A 99 -2.30 6.70 -3.68
C GLY A 99 -1.41 6.72 -4.94
N GLY A 100 -0.37 7.56 -4.93
CA GLY A 100 0.49 7.71 -6.08
C GLY A 100 1.48 6.56 -6.31
N GLY A 101 1.52 5.55 -5.42
CA GLY A 101 2.39 4.40 -5.66
C GLY A 101 3.77 4.57 -4.96
N THR A 102 4.38 3.42 -4.60
CA THR A 102 5.77 3.36 -4.13
C THR A 102 6.47 2.27 -4.92
N LYS A 103 7.46 2.66 -5.73
CA LYS A 103 8.26 1.73 -6.50
C LYS A 103 9.35 1.20 -5.53
N VAL A 104 9.31 -0.10 -5.29
CA VAL A 104 10.27 -0.85 -4.45
C VAL A 104 11.28 -1.60 -5.33
N GLU A 105 12.57 -1.27 -5.12
CA GLU A 105 13.67 -1.88 -5.84
C GLU A 105 14.67 -2.52 -4.87
N ILE A 106 15.42 -3.50 -5.33
CA ILE A 106 16.45 -4.08 -4.48
C ILE A 106 17.78 -3.48 -4.87
N LYS A 107 18.42 -2.83 -3.89
CA LYS A 107 19.82 -2.37 -3.95
C LYS A 107 20.71 -3.62 -3.94
#